data_1S4V
#
_entry.id   1S4V
#
_cell.length_a   36.448
_cell.length_b   68.162
_cell.length_c   163.780
_cell.angle_alpha   90.00
_cell.angle_beta   90.00
_cell.angle_gamma   90.00
#
_symmetry.space_group_name_H-M   'P 21 21 21'
#
loop_
_entity.id
_entity.type
_entity.pdbx_description
1 polymer 'cysteine endopeptidase'
2 polymer 'DVA-LEU-LYS-0QE peptide'
3 non-polymer 'SULFATE ION'
4 water water
#
loop_
_entity_poly.entity_id
_entity_poly.type
_entity_poly.pdbx_seq_one_letter_code
_entity_poly.pdbx_strand_id
1 'polypeptide(L)'
;TVPASVDWRKKGAVTSVKDQGQCGSCWAFSTIVAVEGINQIKTNKLVSLSEQELVDCDTDQNQGCNGGLMDYAFEFIKQR
GGITTEANYPYEAYDGTCDVSKENAPAVSIDGHENVPENDENALLKAVANQPVSVAIDAGGSDFQFYSEGVFTGSCGTEL
DHGVAIVGYGTTIDGTKYWTVKNSWGPEWGEKGYIRMERGISDKEGLCGIAMEASYPIKKSSNNPSGIK
;
A,B
2 'polypeptide(L)' (DVA)LK(0QE) C,D
#
# COMPACT_ATOMS: atom_id res chain seq x y z
N THR A 1 4.53 -6.93 17.95
CA THR A 1 4.11 -5.70 17.21
C THR A 1 4.67 -5.65 15.78
N VAL A 2 3.85 -6.03 14.81
CA VAL A 2 4.30 -6.01 13.43
C VAL A 2 3.62 -4.81 12.77
N PRO A 3 4.32 -4.13 11.86
CA PRO A 3 3.67 -2.97 11.23
C PRO A 3 2.42 -3.36 10.45
N ALA A 4 1.57 -2.37 10.19
CA ALA A 4 0.34 -2.60 9.46
C ALA A 4 0.70 -3.16 8.08
N SER A 5 1.80 -2.68 7.50
CA SER A 5 2.21 -3.17 6.20
C SER A 5 3.70 -3.03 5.93
N VAL A 6 4.22 -3.90 5.09
CA VAL A 6 5.63 -3.86 4.73
C VAL A 6 5.79 -4.17 3.25
N ASP A 7 6.56 -3.33 2.54
CA ASP A 7 6.80 -3.50 1.12
C ASP A 7 8.32 -3.44 0.94
N TRP A 8 8.95 -4.62 0.84
CA TRP A 8 10.39 -4.66 0.68
C TRP A 8 10.90 -4.03 -0.61
N ARG A 9 10.05 -3.94 -1.62
CA ARG A 9 10.46 -3.34 -2.88
C ARG A 9 10.65 -1.86 -2.62
N LYS A 10 9.65 -1.27 -1.96
CA LYS A 10 9.68 0.14 -1.61
C LYS A 10 10.78 0.42 -0.62
N LYS A 11 11.09 -0.57 0.24
CA LYS A 11 12.15 -0.36 1.22
C LYS A 11 13.55 -0.54 0.61
N GLY A 12 13.59 -0.88 -0.69
CA GLY A 12 14.86 -1.07 -1.39
C GLY A 12 15.59 -2.39 -1.26
N ALA A 13 14.89 -3.45 -0.86
CA ALA A 13 15.53 -4.76 -0.70
C ALA A 13 15.19 -5.78 -1.80
N VAL A 14 14.59 -5.32 -2.88
CA VAL A 14 14.22 -6.21 -3.98
C VAL A 14 14.73 -5.76 -5.33
N THR A 15 15.35 -6.70 -6.05
CA THR A 15 15.89 -6.43 -7.37
C THR A 15 14.80 -6.58 -8.42
N SER A 16 15.19 -6.38 -9.68
CA SER A 16 14.27 -6.48 -10.80
C SER A 16 13.65 -7.86 -10.91
N VAL A 17 12.49 -7.91 -11.56
CA VAL A 17 11.78 -9.16 -11.76
C VAL A 17 12.52 -9.91 -12.87
N LYS A 18 12.80 -11.19 -12.63
CA LYS A 18 13.50 -12.01 -13.60
C LYS A 18 12.54 -12.96 -14.29
N ASP A 19 13.04 -13.68 -15.29
CA ASP A 19 12.22 -14.63 -16.01
C ASP A 19 13.10 -15.88 -16.07
N GLN A 20 12.65 -16.95 -15.46
CA GLN A 20 13.43 -18.19 -15.46
C GLN A 20 13.51 -18.90 -16.81
N GLY A 21 12.68 -18.48 -17.76
CA GLY A 21 12.68 -19.11 -19.09
C GLY A 21 12.29 -20.57 -19.10
N GLN A 22 12.77 -21.30 -20.10
CA GLN A 22 12.46 -22.74 -20.21
C GLN A 22 13.45 -23.61 -19.43
N CYS A 23 13.50 -23.41 -18.12
CA CYS A 23 14.39 -24.15 -17.22
C CYS A 23 13.61 -24.20 -15.89
N GLY A 24 13.41 -25.40 -15.34
CA GLY A 24 12.68 -25.52 -14.08
C GLY A 24 13.53 -25.13 -12.88
N SER A 25 13.93 -23.88 -12.86
CA SER A 25 14.77 -23.34 -11.79
C SER A 25 14.06 -22.40 -10.80
N CYS A 26 12.73 -22.48 -10.72
CA CYS A 26 12.00 -21.63 -9.80
C CYS A 26 12.59 -21.66 -8.38
N TRP A 27 13.02 -22.84 -7.95
CA TRP A 27 13.60 -22.99 -6.62
C TRP A 27 14.81 -22.08 -6.42
N ALA A 28 15.65 -21.93 -7.46
CA ALA A 28 16.82 -21.08 -7.36
C ALA A 28 16.43 -19.61 -7.27
N PHE A 29 15.46 -19.21 -8.09
CA PHE A 29 15.01 -17.82 -8.08
C PHE A 29 14.38 -17.47 -6.72
N SER A 30 13.58 -18.39 -6.18
CA SER A 30 12.93 -18.15 -4.88
C SER A 30 14.00 -17.93 -3.82
N THR A 31 15.01 -18.80 -3.81
CA THR A 31 16.11 -18.70 -2.86
C THR A 31 16.84 -17.36 -2.97
N ILE A 32 17.20 -17.00 -4.19
CA ILE A 32 17.91 -15.75 -4.41
C ILE A 32 17.16 -14.49 -3.97
N VAL A 33 15.83 -14.47 -4.10
CA VAL A 33 15.07 -13.30 -3.69
C VAL A 33 15.29 -13.06 -2.20
N ALA A 34 15.22 -14.15 -1.42
CA ALA A 34 15.40 -14.06 0.02
C ALA A 34 16.82 -13.66 0.40
N VAL A 35 17.81 -14.19 -0.30
CA VAL A 35 19.19 -13.83 0.04
C VAL A 35 19.46 -12.38 -0.36
N GLU A 36 19.03 -11.97 -1.56
CA GLU A 36 19.24 -10.59 -2.00
C GLU A 36 18.60 -9.63 -0.98
N GLY A 37 17.44 -10.04 -0.47
CA GLY A 37 16.72 -9.23 0.50
C GLY A 37 17.43 -9.08 1.85
N ILE A 38 17.76 -10.18 2.52
CA ILE A 38 18.44 -10.09 3.82
C ILE A 38 19.78 -9.36 3.67
N ASN A 39 20.43 -9.52 2.53
CA ASN A 39 21.70 -8.84 2.34
C ASN A 39 21.54 -7.32 2.39
N GLN A 40 20.53 -6.81 1.68
CA GLN A 40 20.31 -5.36 1.66
C GLN A 40 19.87 -4.85 3.02
N ILE A 41 19.07 -5.65 3.71
CA ILE A 41 18.58 -5.28 5.02
C ILE A 41 19.75 -5.15 6.01
N LYS A 42 20.73 -6.03 5.88
CA LYS A 42 21.89 -6.00 6.77
C LYS A 42 23.00 -5.03 6.38
N THR A 43 23.32 -5.01 5.09
CA THR A 43 24.40 -4.14 4.62
C THR A 43 24.01 -2.83 3.97
N ASN A 44 22.73 -2.64 3.72
CA ASN A 44 22.20 -1.43 3.09
C ASN A 44 22.62 -1.29 1.63
N LYS A 45 23.05 -2.39 1.02
CA LYS A 45 23.46 -2.40 -0.39
C LYS A 45 22.67 -3.48 -1.11
N LEU A 46 21.96 -3.12 -2.18
CA LEU A 46 21.19 -4.11 -2.92
C LEU A 46 22.07 -4.70 -4.01
N VAL A 47 22.35 -6.00 -3.90
CA VAL A 47 23.19 -6.72 -4.86
C VAL A 47 22.39 -7.82 -5.54
N SER A 48 22.41 -7.89 -6.87
CA SER A 48 21.69 -8.94 -7.59
C SER A 48 22.59 -10.18 -7.52
N LEU A 49 22.07 -11.33 -7.09
CA LEU A 49 22.86 -12.56 -6.98
C LEU A 49 22.62 -13.63 -8.04
N SER A 50 23.50 -14.65 -8.06
CA SER A 50 23.44 -15.72 -9.03
C SER A 50 22.56 -16.97 -8.95
N GLU A 51 21.44 -16.96 -9.67
CA GLU A 51 20.54 -18.11 -9.67
C GLU A 51 21.27 -19.22 -10.45
N GLN A 52 22.04 -18.82 -11.47
CA GLN A 52 22.78 -19.79 -12.29
C GLN A 52 23.78 -20.63 -11.51
N GLU A 53 24.43 -20.02 -10.53
CA GLU A 53 25.41 -20.75 -9.72
C GLU A 53 24.69 -21.89 -9.04
N LEU A 54 23.50 -21.61 -8.50
CA LEU A 54 22.72 -22.65 -7.84
C LEU A 54 22.38 -23.74 -8.85
N VAL A 55 21.83 -23.35 -10.00
CA VAL A 55 21.48 -24.31 -11.03
C VAL A 55 22.67 -25.24 -11.39
N ASP A 56 23.81 -24.63 -11.70
CA ASP A 56 25.00 -25.40 -12.06
C ASP A 56 25.77 -26.14 -10.97
N CYS A 57 25.93 -25.48 -9.83
CA CYS A 57 26.68 -26.03 -8.69
C CYS A 57 25.99 -26.68 -7.50
N ASP A 58 24.74 -26.32 -7.20
CA ASP A 58 24.05 -26.91 -6.06
C ASP A 58 23.43 -28.20 -6.57
N THR A 59 24.26 -29.24 -6.68
CA THR A 59 23.83 -30.53 -7.18
C THR A 59 23.72 -31.74 -6.25
N ASP A 60 24.00 -31.58 -4.97
CA ASP A 60 23.91 -32.72 -4.05
C ASP A 60 22.52 -33.36 -4.17
N GLN A 61 21.49 -32.51 -4.21
CA GLN A 61 20.10 -32.98 -4.32
C GLN A 61 19.32 -32.26 -5.39
N ASN A 62 19.44 -30.94 -5.41
CA ASN A 62 18.74 -30.14 -6.39
C ASN A 62 19.16 -30.60 -7.77
N GLN A 63 18.25 -30.48 -8.74
CA GLN A 63 18.53 -30.89 -10.10
C GLN A 63 18.53 -29.81 -11.18
N GLY A 64 19.06 -28.63 -10.86
CA GLY A 64 19.11 -27.56 -11.84
C GLY A 64 17.80 -27.27 -12.54
N CYS A 65 17.81 -27.40 -13.86
CA CYS A 65 16.59 -27.13 -14.60
C CYS A 65 15.52 -28.18 -14.42
N ASN A 66 15.80 -29.23 -13.67
CA ASN A 66 14.80 -30.27 -13.46
C ASN A 66 14.18 -30.15 -12.06
N GLY A 67 14.36 -28.99 -11.41
CA GLY A 67 13.78 -28.80 -10.08
C GLY A 67 14.70 -28.90 -8.86
N GLY A 68 14.22 -28.36 -7.75
CA GLY A 68 14.97 -28.37 -6.51
C GLY A 68 14.15 -27.82 -5.36
N LEU A 69 14.81 -27.55 -4.25
CA LEU A 69 14.13 -27.04 -3.07
C LEU A 69 14.95 -25.91 -2.48
N MET A 70 14.27 -24.86 -2.03
CA MET A 70 14.93 -23.71 -1.44
C MET A 70 15.76 -24.05 -0.21
N ASP A 71 15.25 -24.89 0.68
CA ASP A 71 16.00 -25.25 1.88
C ASP A 71 17.39 -25.82 1.53
N TYR A 72 17.47 -26.68 0.53
CA TYR A 72 18.76 -27.27 0.14
C TYR A 72 19.67 -26.20 -0.44
N ALA A 73 19.08 -25.24 -1.14
CA ALA A 73 19.87 -24.17 -1.72
C ALA A 73 20.45 -23.25 -0.65
N PHE A 74 19.69 -22.98 0.41
CA PHE A 74 20.20 -22.11 1.48
C PHE A 74 21.39 -22.82 2.11
N GLU A 75 21.25 -24.13 2.27
CA GLU A 75 22.30 -24.94 2.87
C GLU A 75 23.55 -24.83 2.00
N PHE A 76 23.35 -24.89 0.69
CA PHE A 76 24.48 -24.80 -0.24
C PHE A 76 25.22 -23.46 -0.05
N ILE A 77 24.47 -22.39 -0.05
CA ILE A 77 25.04 -21.06 0.12
C ILE A 77 25.77 -20.92 1.45
N LYS A 78 25.20 -21.49 2.50
CA LYS A 78 25.80 -21.44 3.82
C LYS A 78 27.15 -22.15 3.79
N GLN A 79 27.15 -23.36 3.23
CA GLN A 79 28.36 -24.17 3.14
C GLN A 79 29.44 -23.67 2.19
N ARG A 80 29.07 -22.96 1.14
CA ARG A 80 30.05 -22.45 0.19
C ARG A 80 30.63 -21.13 0.68
N GLY A 81 30.10 -20.60 1.78
CA GLY A 81 30.60 -19.34 2.30
C GLY A 81 29.92 -18.19 1.58
N GLY A 82 28.91 -18.52 0.78
CA GLY A 82 28.20 -17.48 0.06
C GLY A 82 27.79 -17.78 -1.37
N ILE A 83 27.17 -16.80 -2.02
CA ILE A 83 26.72 -16.94 -3.40
C ILE A 83 27.33 -15.77 -4.14
N THR A 84 27.79 -15.99 -5.37
CA THR A 84 28.40 -14.90 -6.13
C THR A 84 27.32 -14.01 -6.78
N THR A 85 27.75 -12.90 -7.38
CA THR A 85 26.83 -11.97 -8.04
C THR A 85 26.32 -12.43 -9.39
N GLU A 86 25.22 -11.84 -9.80
CA GLU A 86 24.59 -12.14 -11.08
C GLU A 86 25.57 -11.75 -12.18
N ALA A 87 26.21 -10.60 -12.02
CA ALA A 87 27.18 -10.10 -12.99
C ALA A 87 28.30 -11.10 -13.23
N ASN A 88 28.80 -11.68 -12.15
CA ASN A 88 29.88 -12.64 -12.25
C ASN A 88 29.47 -14.01 -12.78
N TYR A 89 28.23 -14.43 -12.50
CA TYR A 89 27.73 -15.73 -12.95
C TYR A 89 26.28 -15.50 -13.42
N PRO A 90 26.11 -14.91 -14.61
CA PRO A 90 24.79 -14.61 -15.20
C PRO A 90 23.90 -15.78 -15.59
N TYR A 91 22.60 -15.55 -15.46
CA TYR A 91 21.59 -16.55 -15.78
C TYR A 91 21.39 -16.78 -17.26
N GLU A 92 21.50 -18.03 -17.69
CA GLU A 92 21.33 -18.35 -19.11
C GLU A 92 20.25 -19.41 -19.35
N ALA A 93 19.44 -19.65 -18.31
CA ALA A 93 18.34 -20.62 -18.36
C ALA A 93 18.67 -21.96 -19.02
N TYR A 94 19.65 -22.66 -18.47
CA TYR A 94 20.04 -23.95 -19.02
C TYR A 94 20.85 -24.66 -17.94
N ASP A 95 21.08 -25.95 -18.12
CA ASP A 95 21.85 -26.71 -17.13
C ASP A 95 23.32 -26.63 -17.49
N GLY A 96 24.06 -25.76 -16.81
CA GLY A 96 25.47 -25.65 -17.10
C GLY A 96 26.36 -26.44 -16.16
N THR A 97 27.64 -26.57 -16.53
CA THR A 97 28.59 -27.29 -15.69
C THR A 97 29.01 -26.27 -14.65
N CYS A 98 29.10 -26.67 -13.40
CA CYS A 98 29.49 -25.75 -12.35
C CYS A 98 30.82 -25.07 -12.66
N ASP A 99 30.78 -23.74 -12.82
CA ASP A 99 32.01 -22.98 -13.11
C ASP A 99 32.66 -22.69 -11.78
N VAL A 100 33.59 -23.54 -11.38
CA VAL A 100 34.30 -23.39 -10.13
C VAL A 100 34.94 -22.01 -9.91
N SER A 101 35.47 -21.43 -10.98
CA SER A 101 36.11 -20.12 -10.86
C SER A 101 35.12 -19.06 -10.38
N LYS A 102 33.87 -19.15 -10.84
CA LYS A 102 32.83 -18.19 -10.44
C LYS A 102 32.17 -18.56 -9.12
N GLU A 103 32.08 -19.86 -8.85
CA GLU A 103 31.47 -20.33 -7.63
C GLU A 103 32.32 -19.92 -6.41
N ASN A 104 33.63 -19.82 -6.61
CA ASN A 104 34.52 -19.43 -5.51
C ASN A 104 34.78 -17.95 -5.38
N ALA A 105 33.82 -17.16 -5.82
CA ALA A 105 33.94 -15.72 -5.72
C ALA A 105 32.65 -15.28 -5.01
N PRO A 106 32.34 -15.89 -3.84
CA PRO A 106 31.08 -15.46 -3.17
C PRO A 106 31.07 -13.97 -2.87
N ALA A 107 29.89 -13.38 -2.99
CA ALA A 107 29.72 -11.96 -2.74
C ALA A 107 28.85 -11.72 -1.52
N VAL A 108 27.97 -12.68 -1.23
CA VAL A 108 27.06 -12.59 -0.09
C VAL A 108 26.93 -13.90 0.67
N SER A 109 27.22 -13.86 1.96
CA SER A 109 27.13 -15.05 2.81
C SER A 109 25.90 -15.03 3.70
N ILE A 110 25.54 -16.20 4.23
CA ILE A 110 24.41 -16.36 5.13
C ILE A 110 24.89 -17.35 6.18
N ASP A 111 24.33 -17.26 7.39
CA ASP A 111 24.72 -18.15 8.48
C ASP A 111 23.98 -19.47 8.53
N GLY A 112 22.84 -19.52 7.85
CA GLY A 112 22.05 -20.73 7.84
C GLY A 112 20.66 -20.36 7.38
N HIS A 113 19.69 -21.19 7.72
CA HIS A 113 18.33 -20.92 7.31
C HIS A 113 17.38 -21.59 8.29
N GLU A 114 16.12 -21.14 8.30
CA GLU A 114 15.14 -21.72 9.21
C GLU A 114 13.77 -21.71 8.54
N ASN A 115 12.89 -22.59 8.99
CA ASN A 115 11.55 -22.71 8.44
C ASN A 115 10.49 -22.03 9.29
N VAL A 116 9.48 -21.47 8.62
CA VAL A 116 8.38 -20.81 9.30
C VAL A 116 7.46 -21.95 9.74
N PRO A 117 6.91 -21.90 10.97
CA PRO A 117 6.01 -22.97 11.41
C PRO A 117 5.00 -23.18 10.30
N GLU A 118 4.73 -24.43 9.95
CA GLU A 118 3.79 -24.72 8.88
C GLU A 118 2.34 -24.36 9.15
N ASN A 119 1.64 -24.04 8.07
CA ASN A 119 0.23 -23.67 8.11
C ASN A 119 -0.11 -22.68 9.21
N ASP A 120 0.64 -21.59 9.26
CA ASP A 120 0.41 -20.57 10.27
C ASP A 120 0.68 -19.21 9.66
N GLU A 121 -0.32 -18.61 9.02
CA GLU A 121 -0.10 -17.30 8.40
C GLU A 121 0.29 -16.18 9.35
N ASN A 122 0.01 -16.33 10.64
CA ASN A 122 0.37 -15.29 11.59
C ASN A 122 1.88 -15.40 11.78
N ALA A 123 2.39 -16.64 11.87
CA ALA A 123 3.84 -16.83 12.04
C ALA A 123 4.51 -16.33 10.76
N LEU A 124 3.88 -16.61 9.62
CA LEU A 124 4.43 -16.17 8.33
C LEU A 124 4.48 -14.66 8.28
N LEU A 125 3.43 -14.00 8.79
CA LEU A 125 3.39 -12.54 8.78
C LEU A 125 4.55 -11.97 9.58
N LYS A 126 4.79 -12.52 10.76
CA LYS A 126 5.89 -12.06 11.61
C LYS A 126 7.23 -12.23 10.91
N ALA A 127 7.38 -13.33 10.15
CA ALA A 127 8.63 -13.60 9.43
C ALA A 127 8.83 -12.59 8.30
N VAL A 128 7.76 -12.34 7.55
CA VAL A 128 7.84 -11.39 6.42
C VAL A 128 8.10 -9.97 6.90
N ALA A 129 7.60 -9.62 8.09
CA ALA A 129 7.81 -8.27 8.61
C ALA A 129 9.32 -7.99 8.73
N ASN A 130 10.09 -9.05 8.92
CA ASN A 130 11.54 -8.94 9.08
C ASN A 130 12.33 -8.94 7.78
N GLN A 131 11.89 -9.74 6.80
CA GLN A 131 12.62 -9.83 5.54
C GLN A 131 11.80 -10.62 4.51
N PRO A 132 12.24 -10.63 3.23
CA PRO A 132 11.49 -11.40 2.24
C PRO A 132 11.57 -12.89 2.62
N VAL A 133 10.52 -13.65 2.37
CA VAL A 133 10.50 -15.07 2.70
C VAL A 133 10.24 -15.98 1.52
N SER A 134 11.03 -17.05 1.40
CA SER A 134 10.86 -18.00 0.30
C SER A 134 9.67 -18.90 0.62
N VAL A 135 8.81 -19.12 -0.37
CA VAL A 135 7.63 -19.95 -0.18
C VAL A 135 7.33 -20.81 -1.40
N ALA A 136 6.58 -21.89 -1.17
CA ALA A 136 6.18 -22.79 -2.26
C ALA A 136 4.67 -22.68 -2.40
N ILE A 137 4.18 -22.77 -3.63
CA ILE A 137 2.75 -22.68 -3.88
C ILE A 137 2.36 -23.60 -5.03
N ASP A 138 1.05 -23.72 -5.21
CA ASP A 138 0.50 -24.54 -6.27
C ASP A 138 0.21 -23.50 -7.35
N ALA A 139 1.05 -23.47 -8.39
CA ALA A 139 0.89 -22.51 -9.48
C ALA A 139 0.50 -23.26 -10.75
N GLY A 140 0.05 -24.50 -10.59
CA GLY A 140 -0.33 -25.29 -11.74
C GLY A 140 -1.69 -25.02 -12.35
N GLY A 141 -2.47 -24.12 -11.76
CA GLY A 141 -3.79 -23.81 -12.30
C GLY A 141 -3.89 -22.59 -13.19
N SER A 142 -4.94 -22.55 -13.98
CA SER A 142 -5.20 -21.44 -14.89
C SER A 142 -5.47 -20.10 -14.23
N ASP A 143 -6.23 -20.10 -13.13
CA ASP A 143 -6.53 -18.83 -12.46
C ASP A 143 -5.22 -18.15 -12.04
N PHE A 144 -4.33 -18.90 -11.42
CA PHE A 144 -3.07 -18.31 -11.01
C PHE A 144 -2.22 -17.92 -12.20
N GLN A 145 -2.11 -18.82 -13.17
CA GLN A 145 -1.32 -18.55 -14.35
C GLN A 145 -1.69 -17.33 -15.18
N PHE A 146 -2.98 -17.05 -15.29
CA PHE A 146 -3.41 -15.88 -16.07
C PHE A 146 -3.71 -14.65 -15.23
N TYR A 147 -3.31 -14.67 -13.96
CA TYR A 147 -3.55 -13.54 -13.07
C TYR A 147 -2.94 -12.29 -13.73
N SER A 148 -3.66 -11.17 -13.68
CA SER A 148 -3.17 -9.93 -14.27
C SER A 148 -3.15 -8.74 -13.31
N GLU A 149 -4.18 -8.62 -12.47
CA GLU A 149 -4.22 -7.49 -11.54
C GLU A 149 -5.19 -7.73 -10.39
N GLY A 150 -5.03 -6.92 -9.35
CA GLY A 150 -5.88 -7.02 -8.17
C GLY A 150 -5.37 -8.01 -7.15
N VAL A 151 -6.21 -8.33 -6.17
CA VAL A 151 -5.83 -9.28 -5.14
C VAL A 151 -6.38 -10.63 -5.58
N PHE A 152 -5.47 -11.55 -5.88
CA PHE A 152 -5.85 -12.89 -6.32
C PHE A 152 -6.47 -13.59 -5.12
N THR A 153 -7.66 -14.16 -5.33
CA THR A 153 -8.36 -14.87 -4.26
C THR A 153 -8.61 -16.34 -4.58
N GLY A 154 -8.21 -16.76 -5.78
CA GLY A 154 -8.40 -18.14 -6.18
C GLY A 154 -8.69 -18.16 -7.67
N SER A 155 -8.92 -19.33 -8.26
CA SER A 155 -8.90 -20.62 -7.57
C SER A 155 -7.59 -21.38 -7.79
N CYS A 156 -7.08 -22.02 -6.74
CA CYS A 156 -5.83 -22.79 -6.82
C CYS A 156 -5.83 -23.89 -5.76
N GLY A 157 -5.16 -24.99 -6.04
CA GLY A 157 -5.09 -26.10 -5.11
C GLY A 157 -3.93 -25.90 -4.16
N THR A 158 -3.57 -26.95 -3.43
CA THR A 158 -2.47 -26.87 -2.49
C THR A 158 -1.36 -27.88 -2.77
N GLU A 159 -1.32 -28.39 -3.97
CA GLU A 159 -0.28 -29.36 -4.31
C GLU A 159 0.87 -28.47 -4.79
N LEU A 160 1.87 -28.36 -3.92
CA LEU A 160 3.06 -27.54 -4.18
C LEU A 160 3.86 -27.90 -5.43
N ASP A 161 4.11 -26.91 -6.28
CA ASP A 161 4.87 -27.13 -7.50
C ASP A 161 5.68 -25.93 -7.99
N HIS A 162 5.63 -24.82 -7.25
CA HIS A 162 6.36 -23.62 -7.66
C HIS A 162 6.97 -22.84 -6.50
N GLY A 163 8.24 -22.46 -6.64
CA GLY A 163 8.89 -21.71 -5.58
C GLY A 163 8.95 -20.23 -5.94
N VAL A 164 8.47 -19.37 -5.04
CA VAL A 164 8.47 -17.93 -5.26
C VAL A 164 8.88 -17.28 -3.94
N ALA A 165 8.62 -15.99 -3.79
CA ALA A 165 8.99 -15.30 -2.56
C ALA A 165 8.05 -14.17 -2.18
N ILE A 166 7.74 -14.05 -0.89
CA ILE A 166 6.86 -12.99 -0.42
C ILE A 166 7.76 -11.80 -0.13
N VAL A 167 7.47 -10.66 -0.75
CA VAL A 167 8.26 -9.45 -0.56
C VAL A 167 7.49 -8.36 0.19
N GLY A 168 6.36 -8.72 0.77
CA GLY A 168 5.58 -7.75 1.50
C GLY A 168 4.17 -8.19 1.81
N TYR A 169 3.45 -7.35 2.53
CA TYR A 169 2.08 -7.62 2.92
C TYR A 169 1.39 -6.29 3.22
N GLY A 170 0.07 -6.30 3.18
CA GLY A 170 -0.69 -5.12 3.46
C GLY A 170 -2.16 -5.43 3.46
N THR A 171 -2.97 -4.38 3.37
CA THR A 171 -4.42 -4.50 3.36
C THR A 171 -4.90 -3.42 2.41
N THR A 172 -5.68 -3.80 1.40
CA THR A 172 -6.17 -2.82 0.46
C THR A 172 -7.12 -1.88 1.19
N ILE A 173 -7.43 -0.75 0.58
CA ILE A 173 -8.32 0.24 1.16
C ILE A 173 -9.68 -0.41 1.51
N ASP A 174 -10.09 -1.37 0.69
CA ASP A 174 -11.37 -2.06 0.90
C ASP A 174 -11.35 -3.10 2.01
N GLY A 175 -10.20 -3.26 2.64
CA GLY A 175 -10.08 -4.21 3.73
C GLY A 175 -9.60 -5.62 3.41
N THR A 176 -9.10 -5.85 2.20
CA THR A 176 -8.63 -7.18 1.84
C THR A 176 -7.15 -7.37 2.16
N LYS A 177 -6.86 -8.30 3.07
CA LYS A 177 -5.46 -8.57 3.45
C LYS A 177 -4.75 -9.30 2.32
N TYR A 178 -3.49 -8.98 2.10
CA TYR A 178 -2.76 -9.64 1.02
C TYR A 178 -1.26 -9.80 1.29
N TRP A 179 -0.65 -10.65 0.46
CA TRP A 179 0.78 -10.95 0.47
C TRP A 179 1.25 -10.43 -0.89
N THR A 180 2.43 -9.82 -0.96
CA THR A 180 2.93 -9.33 -2.26
C THR A 180 4.00 -10.38 -2.57
N VAL A 181 3.80 -11.06 -3.69
CA VAL A 181 4.69 -12.11 -4.16
C VAL A 181 5.46 -11.83 -5.44
N LYS A 182 6.77 -12.08 -5.41
CA LYS A 182 7.61 -11.86 -6.59
C LYS A 182 7.71 -13.18 -7.35
N ASN A 183 7.23 -13.18 -8.61
CA ASN A 183 7.25 -14.37 -9.43
C ASN A 183 8.47 -14.27 -10.35
N SER A 184 8.82 -15.40 -10.99
CA SER A 184 9.95 -15.44 -11.89
C SER A 184 9.53 -15.71 -13.34
N TRP A 185 8.43 -15.10 -13.76
CA TRP A 185 7.93 -15.29 -15.13
C TRP A 185 8.02 -14.00 -15.95
N GLY A 186 8.95 -13.12 -15.59
CA GLY A 186 9.10 -11.88 -16.33
C GLY A 186 8.19 -10.77 -15.84
N PRO A 187 8.55 -9.50 -16.10
CA PRO A 187 7.75 -8.35 -15.68
C PRO A 187 6.43 -8.28 -16.41
N GLU A 188 6.31 -9.04 -17.50
CA GLU A 188 5.11 -9.11 -18.32
C GLU A 188 3.93 -9.83 -17.65
N TRP A 189 4.23 -10.64 -16.64
CA TRP A 189 3.18 -11.38 -15.94
C TRP A 189 2.67 -10.62 -14.72
N GLY A 190 1.38 -10.76 -14.41
CA GLY A 190 0.78 -10.10 -13.26
C GLY A 190 0.99 -8.59 -13.17
N GLU A 191 1.18 -8.09 -11.95
CA GLU A 191 1.39 -6.66 -11.75
C GLU A 191 2.89 -6.41 -11.83
N LYS A 192 3.37 -6.17 -13.05
CA LYS A 192 4.78 -5.91 -13.31
C LYS A 192 5.66 -7.04 -12.76
N GLY A 193 5.12 -8.26 -12.80
CA GLY A 193 5.88 -9.41 -12.32
C GLY A 193 5.51 -9.94 -10.96
N TYR A 194 4.71 -9.18 -10.24
CA TYR A 194 4.27 -9.58 -8.90
C TYR A 194 2.79 -9.94 -8.88
N ILE A 195 2.38 -10.57 -7.78
CA ILE A 195 0.99 -10.95 -7.62
C ILE A 195 0.62 -10.74 -6.17
N ARG A 196 -0.50 -10.07 -5.94
CA ARG A 196 -0.95 -9.84 -4.58
C ARG A 196 -1.94 -10.99 -4.36
N MET A 197 -1.65 -11.81 -3.36
CA MET A 197 -2.49 -12.96 -3.01
C MET A 197 -3.18 -12.74 -1.68
N GLU A 198 -4.46 -13.07 -1.63
CA GLU A 198 -5.24 -12.89 -0.40
C GLU A 198 -4.51 -13.56 0.76
N ARG A 199 -4.43 -12.83 1.87
CA ARG A 199 -3.77 -13.27 3.11
C ARG A 199 -4.73 -13.54 4.25
N GLY A 200 -4.36 -14.48 5.13
CA GLY A 200 -5.21 -14.82 6.27
C GLY A 200 -6.56 -15.41 5.88
N ILE A 201 -6.54 -16.37 4.97
CA ILE A 201 -7.77 -17.02 4.51
C ILE A 201 -8.27 -18.07 5.49
N SER A 202 -9.40 -18.67 5.18
CA SER A 202 -9.99 -19.69 6.06
C SER A 202 -9.33 -21.07 6.06
N ASP A 203 -8.32 -21.26 5.22
CA ASP A 203 -7.61 -22.55 5.14
C ASP A 203 -6.28 -22.31 5.85
N LYS A 204 -5.92 -23.17 6.79
CA LYS A 204 -4.65 -23.00 7.53
C LYS A 204 -3.43 -23.04 6.60
N GLU A 205 -3.56 -23.75 5.49
CA GLU A 205 -2.48 -23.88 4.51
C GLU A 205 -2.16 -22.59 3.73
N GLY A 206 -3.10 -21.66 3.73
CA GLY A 206 -2.89 -20.42 3.02
C GLY A 206 -3.31 -20.57 1.56
N LEU A 207 -3.48 -19.45 0.86
CA LEU A 207 -3.89 -19.47 -0.54
C LEU A 207 -2.84 -20.15 -1.41
N CYS A 208 -3.28 -21.16 -2.18
CA CYS A 208 -2.41 -21.93 -3.05
C CYS A 208 -1.34 -22.66 -2.23
N GLY A 209 -1.59 -22.78 -0.92
CA GLY A 209 -0.66 -23.46 -0.01
C GLY A 209 0.58 -22.67 0.38
N ILE A 210 0.53 -21.36 0.20
CA ILE A 210 1.64 -20.48 0.51
C ILE A 210 2.23 -20.56 1.92
N ALA A 211 1.45 -21.05 2.88
CA ALA A 211 1.94 -21.16 4.26
C ALA A 211 2.51 -22.55 4.60
N MET A 212 2.48 -23.46 3.64
CA MET A 212 2.98 -24.81 3.87
C MET A 212 4.48 -25.05 3.93
N GLU A 213 5.25 -24.35 3.12
CA GLU A 213 6.70 -24.55 3.13
C GLU A 213 7.45 -23.26 2.97
N ALA A 214 7.38 -22.40 3.99
CA ALA A 214 8.04 -21.12 3.95
C ALA A 214 9.34 -21.18 4.75
N SER A 215 10.39 -20.56 4.24
CA SER A 215 11.69 -20.54 4.92
C SER A 215 12.47 -19.28 4.57
N TYR A 216 13.49 -18.99 5.36
CA TYR A 216 14.29 -17.80 5.11
C TYR A 216 15.72 -17.93 5.59
N PRO A 217 16.61 -17.08 5.06
CA PRO A 217 18.02 -17.15 5.47
C PRO A 217 18.30 -16.36 6.75
N ILE A 218 19.38 -16.72 7.40
CA ILE A 218 19.80 -16.06 8.64
C ILE A 218 21.11 -15.34 8.33
N LYS A 219 21.23 -14.08 8.78
CA LYS A 219 22.44 -13.28 8.57
C LYS A 219 22.51 -12.31 9.75
N LYS A 220 23.39 -12.59 10.70
CA LYS A 220 23.55 -11.74 11.87
C LYS A 220 24.53 -10.58 11.72
N SER A 221 25.68 -10.86 11.14
CA SER A 221 26.70 -9.84 10.94
C SER A 221 26.31 -8.92 9.79
N SER A 222 26.78 -7.68 9.84
CA SER A 222 26.48 -6.70 8.81
C SER A 222 27.49 -6.61 7.68
N ASN A 223 28.36 -7.61 7.51
CA ASN A 223 29.35 -7.58 6.45
C ASN A 223 29.38 -8.84 5.53
N ASN A 224 30.19 -8.78 4.47
CA ASN A 224 30.31 -9.90 3.53
C ASN A 224 31.75 -10.26 3.15
N THR B 1 -32.54 18.90 26.31
CA THR B 1 -31.44 19.58 25.58
C THR B 1 -31.29 18.99 24.19
N VAL B 2 -31.02 19.84 23.21
CA VAL B 2 -30.85 19.38 21.83
C VAL B 2 -29.63 18.47 21.69
N PRO B 3 -29.73 17.42 20.86
CA PRO B 3 -28.55 16.55 20.72
C PRO B 3 -27.40 17.37 20.13
N ALA B 4 -26.17 16.96 20.41
CA ALA B 4 -25.00 17.66 19.91
C ALA B 4 -24.89 17.66 18.39
N SER B 5 -24.18 18.67 17.89
CA SER B 5 -23.95 18.81 16.46
C SER B 5 -22.77 19.75 16.27
N VAL B 6 -22.16 19.67 15.10
CA VAL B 6 -21.03 20.55 14.81
C VAL B 6 -21.12 20.81 13.34
N ASP B 7 -20.87 22.05 12.96
CA ASP B 7 -20.91 22.43 11.55
C ASP B 7 -19.68 23.31 11.39
N TRP B 8 -18.61 22.71 10.86
CA TRP B 8 -17.39 23.45 10.67
C TRP B 8 -17.50 24.59 9.67
N ARG B 9 -18.48 24.53 8.78
CA ARG B 9 -18.67 25.59 7.80
C ARG B 9 -19.14 26.83 8.56
N LYS B 10 -20.10 26.63 9.44
CA LYS B 10 -20.63 27.75 10.24
C LYS B 10 -19.53 28.26 11.19
N LYS B 11 -18.73 27.35 11.71
CA LYS B 11 -17.66 27.73 12.62
C LYS B 11 -16.54 28.47 11.92
N GLY B 12 -16.63 28.54 10.60
CA GLY B 12 -15.63 29.24 9.84
C GLY B 12 -14.35 28.50 9.49
N ALA B 13 -14.37 27.18 9.52
CA ALA B 13 -13.18 26.39 9.21
C ALA B 13 -13.22 25.71 7.84
N VAL B 14 -14.16 26.10 7.00
CA VAL B 14 -14.28 25.50 5.67
C VAL B 14 -14.33 26.52 4.54
N THR B 15 -13.50 26.29 3.53
CA THR B 15 -13.43 27.17 2.37
C THR B 15 -14.50 26.79 1.36
N SER B 16 -14.55 27.52 0.26
CA SER B 16 -15.52 27.28 -0.80
C SER B 16 -15.44 25.88 -1.38
N VAL B 17 -16.54 25.45 -1.98
CA VAL B 17 -16.62 24.15 -2.60
C VAL B 17 -15.88 24.21 -3.94
N LYS B 18 -15.05 23.21 -4.21
CA LYS B 18 -14.29 23.17 -5.46
C LYS B 18 -14.80 22.08 -6.40
N ASP B 19 -14.27 22.09 -7.61
CA ASP B 19 -14.63 21.10 -8.60
C ASP B 19 -13.27 20.66 -9.11
N GLN B 20 -12.94 19.40 -8.88
CA GLN B 20 -11.67 18.84 -9.30
C GLN B 20 -11.51 18.67 -10.81
N GLY B 21 -12.61 18.85 -11.55
CA GLY B 21 -12.56 18.72 -13.00
C GLY B 21 -12.20 17.34 -13.51
N GLN B 22 -11.61 17.29 -14.71
CA GLN B 22 -11.20 16.03 -15.33
C GLN B 22 -9.80 15.60 -14.94
N CYS B 23 -9.60 15.41 -13.64
CA CYS B 23 -8.34 15.01 -13.07
C CYS B 23 -8.71 14.19 -11.83
N GLY B 24 -8.19 12.95 -11.73
CA GLY B 24 -8.51 12.10 -10.59
C GLY B 24 -7.73 12.51 -9.35
N SER B 25 -7.98 13.72 -8.89
CA SER B 25 -7.31 14.28 -7.73
C SER B 25 -8.15 14.38 -6.46
N CYS B 26 -9.24 13.61 -6.38
CA CYS B 26 -10.10 13.68 -5.20
C CYS B 26 -9.31 13.53 -3.90
N TRP B 27 -8.28 12.68 -3.92
CA TRP B 27 -7.44 12.47 -2.75
C TRP B 27 -6.80 13.76 -2.28
N ALA B 28 -6.36 14.60 -3.21
CA ALA B 28 -5.72 15.85 -2.84
C ALA B 28 -6.75 16.81 -2.24
N PHE B 29 -7.94 16.88 -2.83
CA PHE B 29 -8.98 17.76 -2.31
C PHE B 29 -9.40 17.34 -0.90
N SER B 30 -9.55 16.03 -0.70
CA SER B 30 -9.95 15.51 0.61
C SER B 30 -8.92 15.92 1.66
N THR B 31 -7.65 15.75 1.32
CA THR B 31 -6.56 16.10 2.23
C THR B 31 -6.59 17.58 2.59
N ILE B 32 -6.70 18.42 1.57
CA ILE B 32 -6.72 19.86 1.79
C ILE B 32 -7.90 20.34 2.67
N VAL B 33 -9.06 19.71 2.57
CA VAL B 33 -10.18 20.16 3.40
C VAL B 33 -9.79 20.00 4.88
N ALA B 34 -9.19 18.87 5.21
CA ALA B 34 -8.79 18.59 6.57
C ALA B 34 -7.69 19.53 7.05
N VAL B 35 -6.71 19.83 6.18
CA VAL B 35 -5.63 20.72 6.59
C VAL B 35 -6.16 22.15 6.74
N GLU B 36 -6.97 22.62 5.78
CA GLU B 36 -7.52 23.97 5.85
C GLU B 36 -8.33 24.10 7.16
N GLY B 37 -9.03 23.03 7.49
CA GLY B 37 -9.84 23.02 8.69
C GLY B 37 -9.05 23.11 9.99
N ILE B 38 -8.11 22.20 10.20
CA ILE B 38 -7.34 22.25 11.43
C ILE B 38 -6.54 23.54 11.54
N ASN B 39 -6.14 24.10 10.41
CA ASN B 39 -5.37 25.35 10.46
C ASN B 39 -6.22 26.49 11.06
N GLN B 40 -7.47 26.62 10.60
CA GLN B 40 -8.33 27.67 11.10
C GLN B 40 -8.68 27.45 12.57
N ILE B 41 -8.84 26.19 12.96
CA ILE B 41 -9.17 25.85 14.33
C ILE B 41 -8.02 26.24 15.27
N LYS B 42 -6.78 26.02 14.82
CA LYS B 42 -5.61 26.35 15.64
C LYS B 42 -5.09 27.80 15.55
N THR B 43 -5.29 28.46 14.41
CA THR B 43 -4.81 29.84 14.23
C THR B 43 -5.88 30.92 14.11
N ASN B 44 -7.12 30.50 13.97
CA ASN B 44 -8.28 31.38 13.82
C ASN B 44 -8.32 32.14 12.50
N LYS B 45 -7.56 31.66 11.53
CA LYS B 45 -7.53 32.29 10.22
C LYS B 45 -7.78 31.21 9.19
N LEU B 46 -8.76 31.43 8.31
CA LEU B 46 -9.10 30.47 7.27
C LEU B 46 -8.25 30.76 6.04
N VAL B 47 -7.38 29.81 5.66
CA VAL B 47 -6.51 29.96 4.50
C VAL B 47 -6.78 28.89 3.47
N SER B 48 -6.89 29.27 2.20
CA SER B 48 -7.14 28.28 1.17
C SER B 48 -5.81 27.69 0.78
N LEU B 49 -5.72 26.37 0.75
CA LEU B 49 -4.47 25.70 0.41
C LEU B 49 -4.39 25.03 -0.95
N SER B 50 -3.17 24.68 -1.35
CA SER B 50 -2.91 24.06 -2.65
C SER B 50 -3.06 22.58 -2.97
N GLU B 51 -4.16 22.22 -3.64
CA GLU B 51 -4.38 20.83 -4.03
C GLU B 51 -3.40 20.55 -5.17
N GLN B 52 -3.15 21.57 -6.01
CA GLN B 52 -2.22 21.40 -7.14
C GLN B 52 -0.81 21.01 -6.71
N GLU B 53 -0.34 21.54 -5.60
CA GLU B 53 1.00 21.22 -5.12
C GLU B 53 1.07 19.72 -4.85
N LEU B 54 0.00 19.18 -4.25
CA LEU B 54 -0.01 17.74 -3.95
C LEU B 54 0.03 16.98 -5.28
N VAL B 55 -0.86 17.34 -6.20
CA VAL B 55 -0.91 16.68 -7.50
C VAL B 55 0.47 16.66 -8.19
N ASP B 56 1.10 17.82 -8.30
CA ASP B 56 2.41 17.92 -8.95
C ASP B 56 3.62 17.41 -8.19
N CYS B 57 3.67 17.70 -6.89
CA CYS B 57 4.79 17.31 -6.04
C CYS B 57 4.76 16.09 -5.13
N ASP B 58 3.60 15.71 -4.62
CA ASP B 58 3.52 14.55 -3.74
C ASP B 58 3.49 13.31 -4.60
N THR B 59 4.68 12.87 -5.03
CA THR B 59 4.77 11.70 -5.89
C THR B 59 5.48 10.43 -5.38
N ASP B 60 5.83 10.35 -4.10
CA ASP B 60 6.50 9.14 -3.62
C ASP B 60 5.59 7.92 -3.81
N GLN B 61 4.31 8.09 -3.49
CA GLN B 61 3.33 7.01 -3.62
C GLN B 61 2.12 7.50 -4.43
N ASN B 62 1.68 8.72 -4.15
CA ASN B 62 0.54 9.28 -4.86
C ASN B 62 0.89 9.51 -6.32
N GLN B 63 -0.12 9.41 -7.17
CA GLN B 63 0.04 9.58 -8.61
C GLN B 63 -0.77 10.67 -9.34
N GLY B 64 -0.72 11.89 -8.82
CA GLY B 64 -1.44 13.01 -9.43
C GLY B 64 -2.86 12.75 -9.90
N CYS B 65 -3.17 13.14 -11.13
CA CYS B 65 -4.50 12.95 -11.70
C CYS B 65 -4.91 11.49 -11.88
N ASN B 66 -3.99 10.58 -11.53
CA ASN B 66 -4.26 9.14 -11.65
C ASN B 66 -4.60 8.54 -10.28
N GLY B 67 -4.90 9.40 -9.31
CA GLY B 67 -5.24 8.91 -7.99
C GLY B 67 -4.16 8.89 -6.92
N GLY B 68 -4.62 8.77 -5.67
CA GLY B 68 -3.71 8.74 -4.54
C GLY B 68 -4.45 8.44 -3.25
N LEU B 69 -3.79 8.66 -2.11
CA LEU B 69 -4.40 8.41 -0.81
C LEU B 69 -4.10 9.54 0.15
N MET B 70 -5.12 9.95 0.91
CA MET B 70 -4.96 11.04 1.86
C MET B 70 -3.82 10.82 2.87
N ASP B 71 -3.71 9.61 3.42
CA ASP B 71 -2.65 9.35 4.39
C ASP B 71 -1.26 9.70 3.85
N TYR B 72 -0.99 9.30 2.61
CA TYR B 72 0.31 9.58 2.01
C TYR B 72 0.52 11.08 1.83
N ALA B 73 -0.57 11.80 1.53
CA ALA B 73 -0.50 13.25 1.32
C ALA B 73 -0.19 13.97 2.62
N PHE B 74 -0.79 13.51 3.71
CA PHE B 74 -0.54 14.15 5.00
C PHE B 74 0.96 13.99 5.33
N GLU B 75 1.52 12.81 5.03
CA GLU B 75 2.95 12.58 5.30
C GLU B 75 3.79 13.55 4.46
N PHE B 76 3.37 13.76 3.21
CA PHE B 76 4.08 14.68 2.31
C PHE B 76 4.12 16.07 2.94
N ILE B 77 2.94 16.56 3.35
CA ILE B 77 2.84 17.88 3.95
C ILE B 77 3.72 17.98 5.21
N LYS B 78 3.75 16.93 6.02
CA LYS B 78 4.57 16.96 7.21
C LYS B 78 6.05 17.06 6.80
N GLN B 79 6.46 16.21 5.87
CA GLN B 79 7.84 16.18 5.38
C GLN B 79 8.34 17.48 4.76
N ARG B 80 7.48 18.16 4.01
CA ARG B 80 7.89 19.41 3.38
C ARG B 80 7.79 20.61 4.31
N GLY B 81 7.32 20.38 5.53
CA GLY B 81 7.21 21.49 6.48
C GLY B 81 5.94 22.30 6.22
N GLY B 82 5.06 21.75 5.40
CA GLY B 82 3.82 22.45 5.11
C GLY B 82 3.34 22.40 3.67
N ILE B 83 2.23 23.06 3.42
CA ILE B 83 1.63 23.11 2.09
C ILE B 83 1.45 24.61 1.80
N THR B 84 1.69 25.01 0.56
CA THR B 84 1.54 26.43 0.23
C THR B 84 0.07 26.79 -0.03
N THR B 85 -0.20 28.08 -0.21
CA THR B 85 -1.57 28.57 -0.46
C THR B 85 -2.06 28.33 -1.88
N GLU B 86 -3.38 28.36 -2.02
CA GLU B 86 -4.02 28.16 -3.32
C GLU B 86 -3.58 29.31 -4.24
N ALA B 87 -3.55 30.52 -3.69
CA ALA B 87 -3.16 31.69 -4.47
C ALA B 87 -1.75 31.53 -5.05
N ASN B 88 -0.86 30.99 -4.26
CA ASN B 88 0.51 30.80 -4.72
C ASN B 88 0.69 29.64 -5.71
N TYR B 89 -0.11 28.59 -5.56
CA TYR B 89 -0.03 27.41 -6.43
C TYR B 89 -1.48 26.97 -6.75
N PRO B 90 -2.16 27.71 -7.65
CA PRO B 90 -3.54 27.45 -8.06
C PRO B 90 -3.82 26.15 -8.82
N TYR B 91 -5.01 25.58 -8.60
CA TYR B 91 -5.42 24.33 -9.24
C TYR B 91 -5.65 24.46 -10.74
N GLU B 92 -5.00 23.60 -11.50
CA GLU B 92 -5.12 23.62 -12.96
C GLU B 92 -5.67 22.30 -13.51
N ALA B 93 -5.90 21.32 -12.63
CA ALA B 93 -6.43 20.03 -13.04
C ALA B 93 -5.60 19.22 -14.06
N TYR B 94 -4.30 19.12 -13.84
CA TYR B 94 -3.42 18.37 -14.73
C TYR B 94 -2.11 18.09 -14.01
N ASP B 95 -1.43 17.02 -14.41
CA ASP B 95 -0.16 16.65 -13.79
C ASP B 95 0.94 17.55 -14.36
N GLY B 96 1.36 18.52 -13.56
CA GLY B 96 2.40 19.43 -14.02
C GLY B 96 3.73 19.23 -13.33
N THR B 97 4.69 20.07 -13.70
CA THR B 97 6.03 20.00 -13.10
C THR B 97 5.98 20.57 -11.68
N CYS B 98 6.53 19.84 -10.72
CA CYS B 98 6.52 20.33 -9.33
C CYS B 98 7.32 21.63 -9.24
N ASP B 99 6.64 22.72 -8.88
CA ASP B 99 7.32 24.01 -8.76
C ASP B 99 8.00 24.03 -7.40
N VAL B 100 9.29 23.68 -7.40
CA VAL B 100 10.06 23.64 -6.18
C VAL B 100 10.10 24.94 -5.39
N SER B 101 10.09 26.09 -6.06
CA SER B 101 10.13 27.35 -5.31
C SER B 101 8.83 27.53 -4.54
N LYS B 102 7.72 27.09 -5.11
CA LYS B 102 6.42 27.22 -4.45
C LYS B 102 6.31 26.15 -3.36
N GLU B 103 6.86 24.97 -3.63
CA GLU B 103 6.82 23.86 -2.68
C GLU B 103 7.63 24.29 -1.43
N ASN B 104 8.65 25.11 -1.65
CA ASN B 104 9.48 25.58 -0.54
C ASN B 104 8.93 26.86 0.10
N ALA B 105 7.66 27.17 -0.17
CA ALA B 105 7.04 28.37 0.39
C ALA B 105 5.76 27.95 1.12
N PRO B 106 5.86 26.93 1.99
CA PRO B 106 4.71 26.44 2.75
C PRO B 106 4.05 27.55 3.55
N ALA B 107 2.74 27.48 3.66
CA ALA B 107 1.97 28.48 4.42
C ALA B 107 1.35 27.87 5.67
N VAL B 108 1.08 26.57 5.62
CA VAL B 108 0.49 25.85 6.73
C VAL B 108 1.16 24.50 6.97
N SER B 109 1.63 24.28 8.19
CA SER B 109 2.30 23.04 8.56
C SER B 109 1.42 22.14 9.43
N ILE B 110 1.77 20.86 9.48
CA ILE B 110 1.05 19.88 10.30
C ILE B 110 2.16 19.03 10.92
N ASP B 111 1.88 18.42 12.07
CA ASP B 111 2.87 17.58 12.78
C ASP B 111 2.85 16.12 12.37
N GLY B 112 1.77 15.70 11.72
CA GLY B 112 1.63 14.32 11.29
C GLY B 112 0.14 14.04 11.07
N HIS B 113 -0.27 12.79 11.19
CA HIS B 113 -1.67 12.43 11.00
C HIS B 113 -1.98 11.15 11.77
N GLU B 114 -3.27 10.88 11.95
CA GLU B 114 -3.73 9.69 12.65
C GLU B 114 -4.98 9.13 11.97
N ASN B 115 -5.17 7.82 12.06
CA ASN B 115 -6.33 7.19 11.47
C ASN B 115 -7.39 6.93 12.51
N VAL B 116 -8.64 7.09 12.12
CA VAL B 116 -9.76 6.84 13.01
C VAL B 116 -9.94 5.32 13.04
N PRO B 117 -10.15 4.72 14.22
CA PRO B 117 -10.33 3.25 14.26
C PRO B 117 -11.35 2.89 13.18
N GLU B 118 -11.06 1.91 12.34
CA GLU B 118 -11.99 1.54 11.28
C GLU B 118 -13.36 0.96 11.67
N ASN B 119 -14.34 1.19 10.81
CA ASN B 119 -15.69 0.71 11.01
C ASN B 119 -16.22 0.99 12.42
N ASP B 120 -16.04 2.23 12.86
CA ASP B 120 -16.48 2.65 14.19
C ASP B 120 -17.01 4.08 14.11
N GLU B 121 -18.27 4.25 13.73
CA GLU B 121 -18.83 5.60 13.62
C GLU B 121 -18.83 6.38 14.92
N ASN B 122 -18.72 5.68 16.05
CA ASN B 122 -18.70 6.36 17.33
C ASN B 122 -17.35 7.07 17.42
N ALA B 123 -16.29 6.36 17.06
CA ALA B 123 -14.95 6.91 17.10
C ALA B 123 -14.88 8.03 16.06
N LEU B 124 -15.52 7.81 14.91
CA LEU B 124 -15.52 8.82 13.86
C LEU B 124 -16.21 10.11 14.35
N LEU B 125 -17.29 9.95 15.10
CA LEU B 125 -18.02 11.11 15.61
C LEU B 125 -17.10 11.93 16.53
N LYS B 126 -16.38 11.24 17.41
CA LYS B 126 -15.47 11.90 18.34
C LYS B 126 -14.40 12.68 17.59
N ALA B 127 -13.94 12.11 16.49
CA ALA B 127 -12.91 12.76 15.70
C ALA B 127 -13.45 14.01 15.01
N VAL B 128 -14.63 13.89 14.41
CA VAL B 128 -15.25 15.02 13.72
C VAL B 128 -15.62 16.16 14.66
N ALA B 129 -15.94 15.83 15.92
CA ALA B 129 -16.30 16.87 16.88
C ALA B 129 -15.11 17.82 17.06
N ASN B 130 -13.89 17.32 16.84
CA ASN B 130 -12.69 18.13 16.98
C ASN B 130 -12.27 18.91 15.73
N GLN B 131 -12.46 18.33 14.55
CA GLN B 131 -12.05 18.99 13.31
C GLN B 131 -12.61 18.23 12.10
N PRO B 132 -12.48 18.81 10.90
CA PRO B 132 -12.97 18.10 9.70
C PRO B 132 -12.11 16.85 9.51
N VAL B 133 -12.71 15.77 9.04
CA VAL B 133 -11.98 14.52 8.85
C VAL B 133 -12.01 14.00 7.41
N SER B 134 -10.87 13.58 6.91
CA SER B 134 -10.76 13.04 5.55
C SER B 134 -11.30 11.62 5.56
N VAL B 135 -12.14 11.29 4.57
CA VAL B 135 -12.72 9.95 4.48
C VAL B 135 -12.82 9.45 3.04
N ALA B 136 -12.92 8.14 2.90
CA ALA B 136 -13.03 7.53 1.59
C ALA B 136 -14.41 6.89 1.51
N ILE B 137 -15.05 6.97 0.34
CA ILE B 137 -16.37 6.38 0.16
C ILE B 137 -16.51 5.78 -1.23
N ASP B 138 -17.60 5.03 -1.40
CA ASP B 138 -17.90 4.40 -2.67
C ASP B 138 -18.87 5.39 -3.30
N ALA B 139 -18.37 6.17 -4.26
CA ALA B 139 -19.19 7.16 -4.95
C ALA B 139 -19.44 6.74 -6.39
N GLY B 140 -19.20 5.47 -6.68
CA GLY B 140 -19.42 4.98 -8.03
C GLY B 140 -20.83 4.66 -8.46
N GLY B 141 -21.79 4.81 -7.53
CA GLY B 141 -23.17 4.52 -7.87
C GLY B 141 -24.04 5.70 -8.27
N SER B 142 -25.13 5.40 -8.95
CA SER B 142 -26.05 6.43 -9.43
C SER B 142 -26.78 7.18 -8.33
N ASP B 143 -27.20 6.49 -7.28
CA ASP B 143 -27.92 7.16 -6.21
C ASP B 143 -27.06 8.26 -5.60
N PHE B 144 -25.80 7.94 -5.32
CA PHE B 144 -24.91 8.95 -4.74
C PHE B 144 -24.62 10.06 -5.76
N GLN B 145 -24.28 9.66 -6.99
CA GLN B 145 -23.97 10.64 -8.03
C GLN B 145 -25.06 11.67 -8.35
N PHE B 146 -26.32 11.24 -8.31
CA PHE B 146 -27.39 12.18 -8.61
C PHE B 146 -28.05 12.77 -7.38
N TYR B 147 -27.44 12.57 -6.21
CA TYR B 147 -27.98 13.13 -4.97
C TYR B 147 -28.16 14.64 -5.16
N SER B 148 -29.30 15.17 -4.70
CA SER B 148 -29.58 16.60 -4.84
C SER B 148 -29.94 17.28 -3.51
N GLU B 149 -30.71 16.59 -2.67
CA GLU B 149 -31.08 17.20 -1.38
C GLU B 149 -31.56 16.19 -0.37
N GLY B 150 -31.59 16.62 0.89
CA GLY B 150 -32.03 15.77 1.98
C GLY B 150 -30.91 14.93 2.58
N VAL B 151 -31.28 13.97 3.41
CA VAL B 151 -30.29 13.10 4.03
C VAL B 151 -30.23 11.85 3.17
N PHE B 152 -29.09 11.66 2.50
CA PHE B 152 -28.87 10.51 1.63
C PHE B 152 -28.84 9.26 2.54
N THR B 153 -29.54 8.19 2.16
CA THR B 153 -29.59 6.96 2.94
C THR B 153 -29.23 5.73 2.11
N GLY B 154 -28.72 5.97 0.91
CA GLY B 154 -28.34 4.89 0.01
C GLY B 154 -29.12 4.97 -1.29
N SER B 155 -28.97 4.00 -2.17
CA SER B 155 -28.06 2.89 -1.90
C SER B 155 -26.67 3.09 -2.52
N CYS B 156 -25.67 2.51 -1.86
CA CYS B 156 -24.28 2.62 -2.32
C CYS B 156 -23.50 1.45 -1.73
N GLY B 157 -22.50 1.00 -2.47
CA GLY B 157 -21.69 -0.10 -2.00
C GLY B 157 -20.59 0.39 -1.09
N THR B 158 -19.63 -0.47 -0.80
CA THR B 158 -18.52 -0.10 0.06
C THR B 158 -17.16 -0.27 -0.63
N GLU B 159 -17.18 -0.18 -1.97
CA GLU B 159 -15.98 -0.31 -2.80
C GLU B 159 -15.50 1.12 -2.98
N LEU B 160 -14.63 1.54 -2.06
CA LEU B 160 -14.05 2.88 -2.03
C LEU B 160 -13.35 3.33 -3.30
N ASP B 161 -13.72 4.50 -3.79
CA ASP B 161 -13.14 5.05 -4.99
C ASP B 161 -13.17 6.56 -4.97
N HIS B 162 -13.54 7.13 -3.83
CA HIS B 162 -13.61 8.57 -3.76
C HIS B 162 -13.23 9.18 -2.41
N GLY B 163 -12.34 10.15 -2.45
CA GLY B 163 -11.89 10.79 -1.21
C GLY B 163 -12.60 12.12 -1.02
N VAL B 164 -13.26 12.28 0.12
CA VAL B 164 -13.98 13.52 0.44
C VAL B 164 -13.67 13.85 1.89
N ALA B 165 -14.47 14.73 2.51
CA ALA B 165 -14.24 15.10 3.90
C ALA B 165 -15.52 15.42 4.67
N ILE B 166 -15.57 15.00 5.93
CA ILE B 166 -16.72 15.25 6.78
C ILE B 166 -16.45 16.61 7.44
N VAL B 167 -17.39 17.54 7.29
CA VAL B 167 -17.22 18.86 7.88
C VAL B 167 -18.24 19.14 8.96
N GLY B 168 -18.92 18.09 9.41
CA GLY B 168 -19.91 18.26 10.44
C GLY B 168 -20.85 17.07 10.63
N TYR B 169 -21.73 17.20 11.62
CA TYR B 169 -22.68 16.15 11.91
C TYR B 169 -23.83 16.76 12.70
N GLY B 170 -24.96 16.08 12.66
CA GLY B 170 -26.12 16.56 13.38
C GLY B 170 -27.25 15.55 13.32
N THR B 171 -28.45 16.02 13.62
CA THR B 171 -29.64 15.19 13.61
C THR B 171 -30.78 16.08 13.11
N THR B 172 -31.54 15.60 12.14
CA THR B 172 -32.65 16.38 11.61
C THR B 172 -33.80 16.44 12.61
N ILE B 173 -34.77 17.29 12.32
CA ILE B 173 -35.94 17.46 13.18
C ILE B 173 -36.64 16.12 13.39
N ASP B 174 -36.80 15.35 12.31
CA ASP B 174 -37.47 14.06 12.41
C ASP B 174 -36.65 13.02 13.16
N GLY B 175 -35.40 13.36 13.46
CA GLY B 175 -34.56 12.42 14.18
C GLY B 175 -33.54 11.61 13.40
N THR B 176 -33.21 12.01 12.19
CA THR B 176 -32.25 11.25 11.43
C THR B 176 -30.84 11.82 11.66
N LYS B 177 -29.92 10.94 12.08
CA LYS B 177 -28.54 11.37 12.33
C LYS B 177 -27.82 11.43 10.99
N TYR B 178 -26.95 12.42 10.83
CA TYR B 178 -26.23 12.55 9.57
C TYR B 178 -24.82 13.13 9.71
N TRP B 179 -24.07 13.01 8.62
CA TRP B 179 -22.70 13.50 8.49
C TRP B 179 -22.83 14.55 7.39
N THR B 180 -22.13 15.67 7.50
CA THR B 180 -22.20 16.70 6.45
C THR B 180 -20.85 16.50 5.75
N VAL B 181 -20.93 16.19 4.46
CA VAL B 181 -19.76 15.93 3.63
C VAL B 181 -19.50 16.93 2.51
N LYS B 182 -18.25 17.38 2.40
CA LYS B 182 -17.86 18.32 1.38
C LYS B 182 -17.33 17.53 0.19
N ASN B 183 -17.99 17.67 -0.96
CA ASN B 183 -17.56 16.97 -2.17
C ASN B 183 -16.75 17.93 -3.03
N SER B 184 -16.06 17.40 -4.03
CA SER B 184 -15.24 18.22 -4.92
C SER B 184 -15.77 18.20 -6.36
N TRP B 185 -17.10 18.26 -6.49
CA TRP B 185 -17.72 18.24 -7.81
C TRP B 185 -18.44 19.56 -8.14
N GLY B 186 -18.02 20.65 -7.51
CA GLY B 186 -18.65 21.95 -7.75
C GLY B 186 -19.89 22.20 -6.90
N PRO B 187 -20.35 23.46 -6.75
CA PRO B 187 -21.53 23.77 -5.94
C PRO B 187 -22.88 23.39 -6.58
N GLU B 188 -22.84 23.06 -7.87
CA GLU B 188 -24.04 22.66 -8.59
C GLU B 188 -24.47 21.28 -8.12
N TRP B 189 -23.53 20.53 -7.55
CA TRP B 189 -23.85 19.18 -7.07
C TRP B 189 -24.37 19.17 -5.63
N GLY B 190 -25.36 18.32 -5.38
CA GLY B 190 -25.94 18.20 -4.05
C GLY B 190 -26.47 19.48 -3.43
N GLU B 191 -26.27 19.64 -2.13
CA GLU B 191 -26.73 20.83 -1.43
C GLU B 191 -25.59 21.84 -1.44
N LYS B 192 -25.52 22.62 -2.52
CA LYS B 192 -24.48 23.62 -2.70
C LYS B 192 -23.08 23.02 -2.59
N GLY B 193 -22.96 21.78 -3.07
CA GLY B 193 -21.68 21.08 -3.06
C GLY B 193 -21.46 20.06 -1.97
N TYR B 194 -22.36 20.04 -0.99
CA TYR B 194 -22.28 19.12 0.12
C TYR B 194 -23.37 18.08 0.05
N ILE B 195 -23.21 17.03 0.85
CA ILE B 195 -24.18 15.96 0.92
C ILE B 195 -24.28 15.52 2.36
N ARG B 196 -25.51 15.42 2.86
CA ARG B 196 -25.72 14.98 4.21
C ARG B 196 -25.99 13.48 4.04
N MET B 197 -25.17 12.66 4.69
CA MET B 197 -25.29 11.21 4.62
C MET B 197 -25.70 10.63 5.98
N GLU B 198 -26.64 9.68 5.99
CA GLU B 198 -27.10 9.07 7.24
C GLU B 198 -25.89 8.56 8.02
N ARG B 199 -25.89 8.84 9.32
CA ARG B 199 -24.82 8.45 10.22
C ARG B 199 -25.23 7.34 11.19
N GLY B 200 -24.27 6.47 11.52
CA GLY B 200 -24.51 5.37 12.45
C GLY B 200 -25.40 4.25 11.96
N ILE B 201 -25.20 3.81 10.73
CA ILE B 201 -26.02 2.73 10.18
C ILE B 201 -25.66 1.31 10.64
N SER B 202 -26.52 0.35 10.33
CA SER B 202 -26.29 -1.05 10.73
C SER B 202 -25.02 -1.67 10.14
N ASP B 203 -24.58 -1.20 8.98
CA ASP B 203 -23.37 -1.72 8.35
C ASP B 203 -22.28 -0.87 9.00
N LYS B 204 -21.53 -1.47 9.94
CA LYS B 204 -20.47 -0.72 10.63
C LYS B 204 -19.41 -0.07 9.75
N GLU B 205 -19.38 -0.37 8.45
CA GLU B 205 -18.37 0.27 7.60
C GLU B 205 -18.86 1.69 7.30
N GLY B 206 -20.09 1.99 7.68
CA GLY B 206 -20.64 3.31 7.44
C GLY B 206 -21.26 3.42 6.05
N LEU B 207 -22.21 4.36 5.89
CA LEU B 207 -22.87 4.54 4.60
C LEU B 207 -21.84 4.79 3.50
N CYS B 208 -21.89 3.96 2.45
CA CYS B 208 -20.97 4.03 1.31
C CYS B 208 -19.52 3.76 1.80
N GLY B 209 -19.40 3.15 2.98
CA GLY B 209 -18.08 2.83 3.55
C GLY B 209 -17.32 3.99 4.17
N ILE B 210 -18.02 5.06 4.47
CA ILE B 210 -17.44 6.26 5.07
C ILE B 210 -16.62 6.06 6.34
N ALA B 211 -16.84 4.99 7.09
CA ALA B 211 -16.08 4.77 8.32
C ALA B 211 -14.87 3.85 8.14
N MET B 212 -14.67 3.36 6.91
CA MET B 212 -13.57 2.46 6.63
C MET B 212 -12.15 3.03 6.54
N GLU B 213 -12.02 4.23 6.00
CA GLU B 213 -10.71 4.85 5.85
C GLU B 213 -10.71 6.33 6.20
N ALA B 214 -10.96 6.64 7.48
CA ALA B 214 -11.01 8.02 7.93
C ALA B 214 -9.71 8.39 8.64
N SER B 215 -9.20 9.59 8.33
CA SER B 215 -7.97 10.05 8.95
C SER B 215 -7.95 11.57 9.04
N TYR B 216 -7.07 12.10 9.87
CA TYR B 216 -6.97 13.54 10.05
C TYR B 216 -5.56 14.00 10.39
N PRO B 217 -5.29 15.31 10.20
CA PRO B 217 -3.97 15.85 10.51
C PRO B 217 -3.84 16.26 11.97
N ILE B 218 -2.61 16.34 12.43
CA ILE B 218 -2.32 16.73 13.81
C ILE B 218 -1.59 18.06 13.71
N LYS B 219 -1.96 19.04 14.52
CA LYS B 219 -1.31 20.35 14.48
C LYS B 219 -1.35 20.85 15.90
N LYS B 220 -0.20 20.80 16.57
CA LYS B 220 -0.14 21.25 17.94
C LYS B 220 0.06 22.74 18.12
N SER B 221 1.18 23.23 17.63
CA SER B 221 1.50 24.65 17.73
C SER B 221 0.49 25.51 16.97
N SER B 222 0.31 26.76 17.40
CA SER B 222 -0.63 27.64 16.73
C SER B 222 0.15 28.48 15.73
N ASN B 223 1.42 28.13 15.54
CA ASN B 223 2.28 28.83 14.60
C ASN B 223 2.33 28.18 13.22
N ASN B 224 2.70 28.96 12.21
CA ASN B 224 2.81 28.49 10.84
C ASN B 224 4.02 29.17 10.20
N PRO B 225 4.61 28.54 9.17
CA PRO B 225 5.76 29.16 8.50
C PRO B 225 5.18 30.35 7.76
N SER B 226 5.96 31.41 7.58
CA SER B 226 5.47 32.59 6.88
C SER B 226 5.45 32.39 5.36
N LEU C 2 10.79 -28.77 -6.95
CA LEU C 2 9.93 -27.75 -7.52
C LEU C 2 10.61 -27.15 -8.73
N LYS C 3 9.87 -27.04 -9.83
CA LYS C 3 10.43 -26.48 -11.05
C LYS C 3 10.02 -25.02 -11.22
N LEU D 2 -7.29 6.56 -4.91
CA LEU D 2 -8.60 7.17 -5.07
C LEU D 2 -8.48 8.34 -6.03
N LYS D 3 -9.39 8.40 -7.00
CA LYS D 3 -9.38 9.49 -7.98
C LYS D 3 -10.50 10.51 -7.70
#